data_7PJA
#
_entry.id   7PJA
#
_cell.length_a   39.010
_cell.length_b   102.090
_cell.length_c   41.250
_cell.angle_alpha   90.000
_cell.angle_beta   105.850
_cell.angle_gamma   90.000
#
_symmetry.space_group_name_H-M   'P 1 21 1'
#
loop_
_entity.id
_entity.type
_entity.pdbx_description
1 polymer 'YTH domain-containing protein 1'
2 non-polymer 6-methyl-3H-pyridin-2-one
3 non-polymer GLYCEROL
4 non-polymer 'SULFATE ION'
5 water water
#
_entity_poly.entity_id   1
_entity_poly.type   'polypeptide(L)'
_entity_poly.pdbx_seq_one_letter_code
;MHHHHHHSSGRENLYFQGTSKLKYVLQDARFFLIKSNNHENVSLAKAKGVWSTLPVNEKKLNLAFRSARSVILIFSVRES
GKFQGFARLSSESHHGGSPIHWVLPAGMSAKMLGGVFKIDWICRRELPFTKSAHLTNPWNEHKPVKIGRDGQEIELECGT
QLCLLFPPDESIDLYQVIHKMRH
;
_entity_poly.pdbx_strand_id   A,B
#
loop_
_chem_comp.id
_chem_comp.type
_chem_comp.name
_chem_comp.formula
7RE non-polymer 6-methyl-3H-pyridin-2-one 'C6 H7 N O'
GOL non-polymer GLYCEROL 'C3 H8 O3'
SO4 non-polymer 'SULFATE ION' 'O4 S -2'
#
# COMPACT_ATOMS: atom_id res chain seq x y z
N GLY A 18 -21.43 -13.87 6.97
CA GLY A 18 -21.43 -12.49 6.52
C GLY A 18 -20.30 -11.67 7.13
N THR A 19 -20.16 -10.42 6.67
CA THR A 19 -19.12 -9.51 7.12
C THR A 19 -19.69 -8.33 7.90
N SER A 20 -20.98 -8.35 8.21
CA SER A 20 -21.62 -7.15 8.73
C SER A 20 -21.22 -6.89 10.17
N LYS A 21 -21.27 -7.92 11.02
CA LYS A 21 -20.79 -7.76 12.39
C LYS A 21 -19.31 -7.42 12.40
N LEU A 22 -18.52 -8.11 11.58
CA LEU A 22 -17.12 -7.70 11.44
C LEU A 22 -17.02 -6.21 11.14
N LYS A 23 -17.72 -5.73 10.11
CA LYS A 23 -17.62 -4.32 9.75
C LYS A 23 -18.05 -3.44 10.92
N TYR A 24 -19.06 -3.89 11.66
CA TYR A 24 -19.47 -3.18 12.86
C TYR A 24 -18.34 -3.11 13.88
N VAL A 25 -17.65 -4.23 14.09
CA VAL A 25 -16.57 -4.25 15.08
C VAL A 25 -15.44 -3.33 14.64
N LEU A 26 -15.24 -3.19 13.33
CA LEU A 26 -14.15 -2.39 12.76
C LEU A 26 -14.53 -0.93 12.61
N GLN A 27 -15.82 -0.61 12.69
CA GLN A 27 -16.30 0.75 12.65
C GLN A 27 -15.49 1.63 13.60
N ASP A 28 -14.78 2.59 13.01
CA ASP A 28 -13.99 3.55 13.78
C ASP A 28 -12.98 2.88 14.69
N ALA A 29 -12.55 1.67 14.34
CA ALA A 29 -11.49 1.01 15.09
C ALA A 29 -10.16 1.72 14.86
N ARG A 30 -9.19 1.44 15.71
CA ARG A 30 -7.80 1.70 15.39
C ARG A 30 -7.11 0.37 15.19
N PHE A 31 -6.05 0.40 14.37
CA PHE A 31 -5.39 -0.83 13.94
C PHE A 31 -3.90 -0.72 14.15
N PHE A 32 -3.31 -1.76 14.72
CA PHE A 32 -1.89 -1.76 14.99
C PHE A 32 -1.26 -3.06 14.48
N LEU A 33 -0.24 -2.91 13.65
CA LEU A 33 0.55 -4.06 13.22
C LEU A 33 1.29 -4.63 14.41
N ILE A 34 1.12 -5.91 14.69
CA ILE A 34 1.92 -6.64 15.67
C ILE A 34 2.82 -7.62 14.93
N LYS A 35 4.11 -7.57 15.24
CA LYS A 35 5.09 -8.47 14.67
C LYS A 35 5.50 -9.46 15.75
N SER A 36 5.33 -10.74 15.46
CA SER A 36 5.83 -11.80 16.31
C SER A 36 7.09 -12.34 15.70
N ASN A 37 8.10 -12.60 16.54
CA ASN A 37 9.32 -13.23 16.04
C ASN A 37 9.06 -14.63 15.48
N ASN A 38 8.08 -15.33 16.04
CA ASN A 38 7.85 -16.73 15.71
C ASN A 38 6.37 -17.05 15.74
N HIS A 39 6.03 -18.26 15.29
CA HIS A 39 4.65 -18.67 15.35
C HIS A 39 4.21 -19.04 16.75
N GLU A 40 5.14 -19.55 17.58
CA GLU A 40 4.76 -19.97 18.93
C GLU A 40 4.02 -18.85 19.66
N ASN A 41 4.54 -17.62 19.60
CA ASN A 41 3.89 -16.55 20.37
C ASN A 41 2.52 -16.21 19.80
N VAL A 42 2.35 -16.26 18.48
CA VAL A 42 1.02 -16.03 17.93
C VAL A 42 0.07 -17.13 18.37
N SER A 43 0.57 -18.37 18.36
CA SER A 43 -0.26 -19.50 18.72
C SER A 43 -0.62 -19.43 20.20
N LEU A 44 0.31 -18.96 21.02
CA LEU A 44 -0.02 -18.77 22.42
C LEU A 44 -1.01 -17.62 22.59
N ALA A 45 -0.84 -16.55 21.80
CA ALA A 45 -1.80 -15.46 21.81
C ALA A 45 -3.18 -15.94 21.39
N LYS A 46 -3.24 -16.81 20.37
CA LYS A 46 -4.51 -17.33 19.90
C LYS A 46 -5.18 -18.21 20.95
N ALA A 47 -4.37 -19.00 21.66
CA ALA A 47 -4.91 -19.95 22.62
C ALA A 47 -5.33 -19.25 23.90
N LYS A 48 -4.51 -18.30 24.35
CA LYS A 48 -4.68 -17.63 25.63
C LYS A 48 -5.45 -16.32 25.53
N GLY A 49 -5.63 -15.80 24.32
CA GLY A 49 -6.35 -14.54 24.19
C GLY A 49 -5.60 -13.38 24.82
N VAL A 50 -4.27 -13.38 24.72
CA VAL A 50 -3.45 -12.35 25.32
C VAL A 50 -2.38 -11.91 24.34
N TRP A 51 -1.87 -10.71 24.56
CA TRP A 51 -0.64 -10.29 23.92
C TRP A 51 0.14 -9.42 24.89
N SER A 52 1.45 -9.45 24.75
CA SER A 52 2.35 -8.57 25.46
C SER A 52 3.30 -7.97 24.46
N THR A 53 3.63 -6.69 24.64
CA THR A 53 4.48 -6.01 23.69
C THR A 53 5.46 -5.14 24.48
N LEU A 54 6.39 -4.52 23.75
CA LEU A 54 7.36 -3.69 24.40
C LEU A 54 6.67 -2.45 24.99
N PRO A 55 7.23 -1.89 26.06
CA PRO A 55 6.61 -0.71 26.70
C PRO A 55 6.23 0.40 25.73
N VAL A 56 7.04 0.64 24.70
CA VAL A 56 6.72 1.72 23.78
C VAL A 56 5.40 1.43 23.05
N ASN A 57 5.15 0.17 22.70
CA ASN A 57 3.89 -0.14 22.05
C ASN A 57 2.77 -0.28 23.08
N GLU A 58 3.10 -0.82 24.25
CA GLU A 58 2.12 -0.94 25.31
C GLU A 58 1.46 0.40 25.63
N LYS A 59 2.26 1.45 25.78
CA LYS A 59 1.70 2.77 26.05
C LYS A 59 0.84 3.26 24.88
N LYS A 60 1.28 2.99 23.64
CA LYS A 60 0.47 3.40 22.49
C LYS A 60 -0.86 2.65 22.48
N LEU A 61 -0.83 1.36 22.79
CA LEU A 61 -2.03 0.53 22.77
C LEU A 61 -2.95 0.89 23.92
N ASN A 62 -2.40 1.21 25.09
CA ASN A 62 -3.23 1.64 26.19
C ASN A 62 -3.92 2.96 25.84
N LEU A 63 -3.15 3.95 25.40
CA LEU A 63 -3.72 5.19 24.87
C LEU A 63 -4.81 4.90 23.85
N ALA A 64 -4.53 4.03 22.88
CA ALA A 64 -5.52 3.75 21.84
C ALA A 64 -6.74 3.03 22.42
N PHE A 65 -6.54 2.17 23.42
CA PHE A 65 -7.65 1.37 23.93
C PHE A 65 -8.73 2.25 24.55
N ARG A 66 -8.31 3.31 25.23
CA ARG A 66 -9.23 4.30 25.81
C ARG A 66 -9.77 5.29 24.77
N SER A 67 -9.19 5.33 23.57
CA SER A 67 -9.56 6.35 22.59
C SER A 67 -10.58 5.88 21.56
N ALA A 68 -10.70 4.56 21.35
CA ALA A 68 -11.45 4.08 20.20
C ALA A 68 -12.35 2.94 20.65
N ARG A 69 -13.45 2.77 19.90
CA ARG A 69 -14.38 1.70 20.20
C ARG A 69 -13.73 0.32 20.10
N SER A 70 -12.83 0.13 19.13
CA SER A 70 -12.09 -1.11 19.00
C SER A 70 -10.64 -0.78 18.70
N VAL A 71 -9.72 -1.52 19.30
CA VAL A 71 -8.32 -1.47 18.93
C VAL A 71 -7.97 -2.84 18.40
N ILE A 72 -7.60 -2.90 17.13
CA ILE A 72 -7.38 -4.14 16.40
C ILE A 72 -5.88 -4.34 16.26
N LEU A 73 -5.41 -5.48 16.76
CA LEU A 73 -4.04 -5.94 16.55
C LEU A 73 -4.03 -6.87 15.35
N ILE A 74 -3.22 -6.55 14.35
CA ILE A 74 -3.08 -7.43 13.20
C ILE A 74 -1.72 -8.08 13.29
N PHE A 75 -1.69 -9.40 13.30
CA PHE A 75 -0.48 -10.13 13.65
C PHE A 75 0.22 -10.60 12.39
N SER A 76 1.54 -10.52 12.41
CA SER A 76 2.35 -11.06 11.35
C SER A 76 3.59 -11.67 11.96
N VAL A 77 3.83 -12.94 11.69
CA VAL A 77 5.07 -13.57 12.12
C VAL A 77 6.16 -13.16 11.14
N ARG A 78 7.27 -12.64 11.66
CA ARG A 78 8.32 -12.18 10.78
C ARG A 78 8.79 -13.32 9.90
N GLU A 79 9.07 -13.00 8.63
CA GLU A 79 9.58 -13.89 7.60
C GLU A 79 8.51 -14.85 7.09
N SER A 80 7.31 -14.82 7.65
CA SER A 80 6.25 -15.72 7.21
C SER A 80 5.62 -15.27 5.91
N GLY A 81 5.79 -14.01 5.53
CA GLY A 81 5.10 -13.50 4.36
C GLY A 81 3.61 -13.45 4.51
N LYS A 82 3.08 -13.60 5.73
CA LYS A 82 1.65 -13.56 5.96
C LYS A 82 1.32 -12.80 7.23
N PHE A 83 0.05 -12.40 7.32
CA PHE A 83 -0.59 -12.08 8.59
C PHE A 83 -1.26 -13.34 9.10
N GLN A 84 -1.27 -13.50 10.41
CA GLN A 84 -1.80 -14.70 11.03
C GLN A 84 -3.17 -14.51 11.65
N GLY A 85 -3.75 -13.33 11.50
CA GLY A 85 -5.09 -13.04 11.94
C GLY A 85 -5.12 -11.69 12.58
N PHE A 86 -6.23 -11.37 13.25
CA PHE A 86 -6.30 -10.14 14.01
C PHE A 86 -7.26 -10.31 15.18
N ALA A 87 -7.06 -9.46 16.19
CA ALA A 87 -7.72 -9.55 17.48
C ALA A 87 -8.06 -8.14 17.95
N ARG A 88 -9.07 -8.06 18.79
CA ARG A 88 -9.50 -6.81 19.37
C ARG A 88 -9.01 -6.77 20.81
N LEU A 89 -8.30 -5.70 21.16
CA LEU A 89 -8.01 -5.45 22.57
C LEU A 89 -9.30 -5.44 23.39
N SER A 90 -9.32 -6.23 24.45
CA SER A 90 -10.45 -6.22 25.36
C SER A 90 -10.09 -5.60 26.70
N SER A 91 -8.81 -5.31 26.95
CA SER A 91 -8.37 -4.63 28.16
C SER A 91 -7.19 -3.73 27.82
N GLU A 92 -6.93 -2.79 28.73
CA GLU A 92 -5.61 -2.23 28.84
C GLU A 92 -4.63 -3.30 29.30
N SER A 93 -3.33 -2.95 29.30
CA SER A 93 -2.34 -3.90 29.77
C SER A 93 -2.38 -4.00 31.29
N HIS A 94 -2.15 -5.19 31.80
CA HIS A 94 -2.03 -5.41 33.24
C HIS A 94 -0.85 -6.31 33.50
N HIS A 95 -0.30 -6.19 34.71
CA HIS A 95 0.82 -7.02 35.14
C HIS A 95 0.36 -7.97 36.24
N GLY A 96 1.16 -9.01 36.47
CA GLY A 96 0.97 -9.92 37.58
C GLY A 96 0.10 -11.13 37.31
N GLY A 97 -0.58 -11.18 36.16
CA GLY A 97 -1.51 -12.26 35.89
C GLY A 97 -0.90 -13.64 35.65
N SER A 98 -1.66 -14.52 35.01
CA SER A 98 -1.11 -15.81 34.60
C SER A 98 0.07 -15.57 33.66
N PRO A 99 1.28 -15.97 34.03
CA PRO A 99 2.44 -15.66 33.17
C PRO A 99 2.36 -16.45 31.88
N ILE A 100 2.87 -15.83 30.82
CA ILE A 100 2.80 -16.42 29.49
C ILE A 100 4.23 -16.78 29.09
N HIS A 101 4.42 -18.02 28.70
CA HIS A 101 5.75 -18.51 28.37
C HIS A 101 6.07 -18.20 26.91
N TRP A 102 6.08 -16.90 26.63
CA TRP A 102 6.49 -16.44 25.31
C TRP A 102 7.85 -17.02 24.96
N VAL A 103 7.97 -17.50 23.72
CA VAL A 103 9.27 -17.91 23.23
C VAL A 103 9.94 -16.63 22.72
N LEU A 104 10.78 -16.11 23.48
CA LEU A 104 11.13 -14.75 23.16
C LEU A 104 12.39 -14.73 22.30
N PRO A 105 12.57 -13.71 21.46
CA PRO A 105 13.81 -13.64 20.69
C PRO A 105 14.99 -13.47 21.64
N ALA A 106 15.90 -14.44 21.60
CA ALA A 106 17.16 -14.35 22.35
C ALA A 106 17.77 -12.97 22.11
N GLY A 107 17.96 -12.23 23.21
CA GLY A 107 18.15 -10.79 23.19
C GLY A 107 17.07 -10.03 23.93
N MET A 108 15.91 -10.64 24.15
CA MET A 108 14.85 -10.01 24.94
C MET A 108 14.44 -10.93 26.07
N SER A 109 14.18 -10.35 27.22
CA SER A 109 13.69 -11.07 28.40
C SER A 109 12.23 -10.73 28.62
N ALA A 110 11.55 -11.57 29.41
CA ALA A 110 10.15 -11.29 29.74
C ALA A 110 9.99 -9.98 30.49
N LYS A 111 11.03 -9.56 31.21
CA LYS A 111 10.99 -8.28 31.91
C LYS A 111 10.98 -7.12 30.93
N MET A 112 11.70 -7.24 29.81
CA MET A 112 11.66 -6.21 28.78
C MET A 112 10.26 -6.00 28.22
N LEU A 113 9.40 -7.02 28.29
CA LEU A 113 8.04 -6.84 27.81
C LEU A 113 7.29 -5.93 28.76
N GLY A 114 6.24 -5.30 28.24
CA GLY A 114 5.27 -4.61 29.07
C GLY A 114 4.29 -5.60 29.67
N GLY A 115 3.19 -5.07 30.19
CA GLY A 115 2.10 -5.87 30.71
C GLY A 115 1.43 -6.69 29.63
N VAL A 116 0.32 -7.31 30.02
CA VAL A 116 -0.40 -8.25 29.18
C VAL A 116 -1.72 -7.62 28.77
N PHE A 117 -1.98 -7.59 27.47
CA PHE A 117 -3.29 -7.22 26.98
C PHE A 117 -4.14 -8.48 26.84
N LYS A 118 -5.39 -8.38 27.29
CA LYS A 118 -6.37 -9.38 26.93
C LYS A 118 -6.92 -9.01 25.56
N ILE A 119 -7.03 -9.98 24.69
CA ILE A 119 -7.53 -9.74 23.34
C ILE A 119 -8.61 -10.76 23.04
N ASP A 120 -9.54 -10.37 22.16
CA ASP A 120 -10.51 -11.31 21.60
C ASP A 120 -10.16 -11.50 20.14
N TRP A 121 -9.92 -12.74 19.75
CA TRP A 121 -9.56 -12.98 18.37
C TRP A 121 -10.77 -12.74 17.49
N ILE A 122 -10.55 -12.02 16.41
CA ILE A 122 -11.64 -11.74 15.49
C ILE A 122 -11.45 -12.64 14.29
N CYS A 123 -10.19 -12.96 14.02
CA CYS A 123 -9.89 -13.80 12.87
C CYS A 123 -8.60 -14.51 13.17
N ARG A 124 -8.63 -15.84 13.14
CA ARG A 124 -7.46 -16.65 13.36
C ARG A 124 -6.90 -17.21 12.06
N ARG A 125 -7.50 -16.87 10.93
CA ARG A 125 -7.01 -17.30 9.65
C ARG A 125 -5.89 -16.40 9.20
N GLU A 126 -5.04 -16.93 8.32
CA GLU A 126 -3.93 -16.16 7.79
C GLU A 126 -4.34 -15.44 6.52
N LEU A 127 -3.54 -14.46 6.17
CA LEU A 127 -3.70 -13.77 4.92
C LEU A 127 -2.31 -13.52 4.36
N PRO A 128 -2.02 -14.04 3.18
CA PRO A 128 -0.70 -13.81 2.58
C PRO A 128 -0.50 -12.34 2.22
N PHE A 129 0.71 -11.83 2.46
CA PHE A 129 1.04 -10.47 2.05
C PHE A 129 0.68 -10.20 0.60
N THR A 130 0.78 -11.22 -0.26
CA THR A 130 0.49 -11.02 -1.67
C THR A 130 -0.94 -10.53 -1.89
N LYS A 131 -1.86 -10.88 -0.99
CA LYS A 131 -3.25 -10.45 -1.08
C LYS A 131 -3.51 -9.04 -0.57
N SER A 132 -2.56 -8.44 0.17
CA SER A 132 -2.74 -7.08 0.67
C SER A 132 -1.85 -6.08 -0.05
N ALA A 133 -1.24 -6.49 -1.17
CA ALA A 133 -0.25 -5.68 -1.86
C ALA A 133 -0.83 -4.41 -2.42
N HIS A 134 -2.15 -4.29 -2.47
CA HIS A 134 -2.80 -3.07 -2.93
C HIS A 134 -3.18 -2.13 -1.80
N LEU A 135 -2.86 -2.46 -0.56
CA LEU A 135 -3.18 -1.62 0.58
C LEU A 135 -1.92 -0.93 1.06
N THR A 136 -1.97 0.39 1.12
CA THR A 136 -0.89 1.16 1.68
C THR A 136 -1.36 1.77 2.99
N ASN A 137 -0.41 1.92 3.90
CA ASN A 137 -0.67 2.48 5.20
C ASN A 137 -0.21 3.93 5.18
N PRO A 138 -1.13 4.90 5.14
CA PRO A 138 -0.72 6.31 5.20
C PRO A 138 0.20 6.65 6.37
N TRP A 139 0.07 5.95 7.52
CA TRP A 139 0.95 6.25 8.64
C TRP A 139 2.31 5.57 8.54
N ASN A 140 2.57 4.82 7.48
CA ASN A 140 3.92 4.36 7.20
C ASN A 140 4.30 4.77 5.78
N GLU A 141 4.18 6.07 5.51
CA GLU A 141 4.58 6.66 4.22
C GLU A 141 3.89 5.99 3.03
N HIS A 142 2.67 5.46 3.25
CA HIS A 142 1.94 4.71 2.23
C HIS A 142 2.76 3.55 1.69
N LYS A 143 3.62 3.01 2.53
CA LYS A 143 4.22 1.74 2.17
C LYS A 143 3.18 0.65 2.29
N PRO A 144 3.32 -0.45 1.54
CA PRO A 144 2.37 -1.56 1.65
C PRO A 144 2.13 -1.92 3.12
N VAL A 145 0.88 -2.19 3.46
CA VAL A 145 0.52 -2.35 4.86
C VAL A 145 1.30 -3.49 5.49
N LYS A 146 1.75 -4.47 4.69
CA LYS A 146 2.62 -5.52 5.21
C LYS A 146 3.90 -4.96 5.79
N ILE A 147 4.29 -3.78 5.39
CA ILE A 147 5.54 -3.20 5.82
C ILE A 147 5.25 -2.36 7.05
N GLY A 148 6.01 -2.58 8.09
CA GLY A 148 5.74 -1.86 9.31
C GLY A 148 6.50 -2.46 10.46
N ARG A 149 6.93 -1.60 11.39
CA ARG A 149 7.53 -2.11 12.60
C ARG A 149 6.43 -2.60 13.52
N ASP A 150 6.84 -3.41 14.51
CA ASP A 150 5.92 -3.82 15.55
C ASP A 150 5.34 -2.58 16.20
N GLY A 151 4.03 -2.57 16.38
CA GLY A 151 3.34 -1.43 16.95
C GLY A 151 2.90 -0.40 15.95
N GLN A 152 3.25 -0.55 14.67
CA GLN A 152 2.90 0.43 13.66
C GLN A 152 1.40 0.54 13.55
N GLU A 153 0.88 1.75 13.80
CA GLU A 153 -0.53 1.98 13.61
C GLU A 153 -0.88 2.03 12.13
N ILE A 154 -1.97 1.38 11.78
CA ILE A 154 -2.49 1.36 10.42
C ILE A 154 -3.71 2.27 10.41
N GLU A 155 -3.71 3.25 9.52
CA GLU A 155 -4.87 4.13 9.36
C GLU A 155 -6.15 3.35 9.12
N LEU A 156 -7.27 3.95 9.55
CA LEU A 156 -8.59 3.31 9.60
C LEU A 156 -8.95 2.61 8.29
N GLU A 157 -8.81 3.30 7.16
CA GLU A 157 -9.35 2.75 5.92
C GLU A 157 -8.52 1.57 5.47
N CYS A 158 -7.20 1.75 5.45
CA CYS A 158 -6.30 0.65 5.19
C CYS A 158 -6.54 -0.48 6.17
N GLY A 159 -6.58 -0.17 7.47
CA GLY A 159 -6.76 -1.22 8.46
C GLY A 159 -8.04 -1.99 8.24
N THR A 160 -9.12 -1.29 7.94
CA THR A 160 -10.39 -1.93 7.73
C THR A 160 -10.35 -2.82 6.49
N GLN A 161 -9.80 -2.29 5.38
CA GLN A 161 -9.69 -3.10 4.17
C GLN A 161 -8.75 -4.28 4.36
N LEU A 162 -7.70 -4.12 5.16
CA LEU A 162 -6.85 -5.26 5.44
C LEU A 162 -7.62 -6.35 6.15
N CYS A 163 -8.40 -5.97 7.16
CA CYS A 163 -9.13 -6.97 7.92
C CYS A 163 -10.21 -7.63 7.07
N LEU A 164 -10.86 -6.86 6.19
CA LEU A 164 -11.88 -7.47 5.36
C LEU A 164 -11.28 -8.40 4.31
N LEU A 165 -9.96 -8.37 4.14
CA LEU A 165 -9.30 -9.26 3.19
C LEU A 165 -9.10 -10.65 3.74
N PHE A 166 -9.08 -10.81 5.05
CA PHE A 166 -8.85 -12.12 5.63
C PHE A 166 -10.01 -13.05 5.30
N PRO A 167 -9.74 -14.32 5.09
CA PRO A 167 -10.82 -15.30 5.01
C PRO A 167 -11.67 -15.18 6.25
N PRO A 168 -13.00 -15.19 6.09
CA PRO A 168 -13.88 -15.19 7.27
C PRO A 168 -13.55 -16.35 8.18
N ASP A 169 -13.60 -16.11 9.48
CA ASP A 169 -13.27 -17.14 10.46
C ASP A 169 -14.60 -17.59 11.06
N GLU A 170 -15.13 -18.69 10.52
CA GLU A 170 -16.45 -19.14 10.88
C GLU A 170 -16.50 -19.73 12.28
N SER A 171 -15.35 -19.89 12.93
CA SER A 171 -15.34 -20.37 14.30
C SER A 171 -15.58 -19.25 15.30
N ILE A 172 -15.63 -18.00 14.87
CA ILE A 172 -15.69 -16.86 15.77
C ILE A 172 -17.08 -16.24 15.68
N ASP A 173 -17.68 -16.00 16.82
CA ASP A 173 -18.95 -15.29 16.91
C ASP A 173 -18.65 -13.91 17.47
N LEU A 174 -18.77 -12.88 16.63
CA LEU A 174 -18.47 -11.52 17.09
C LEU A 174 -19.56 -10.96 17.99
N TYR A 175 -20.63 -11.71 18.23
CA TYR A 175 -21.67 -11.25 19.11
C TYR A 175 -21.12 -10.85 20.47
N GLN A 176 -20.31 -11.70 21.09
CA GLN A 176 -19.75 -11.35 22.41
C GLN A 176 -18.79 -10.18 22.31
N VAL A 177 -17.99 -10.13 21.24
CA VAL A 177 -17.09 -8.99 21.05
C VAL A 177 -17.89 -7.69 20.96
N ILE A 178 -18.96 -7.69 20.14
CA ILE A 178 -19.78 -6.49 20.02
C ILE A 178 -20.31 -6.07 21.39
N HIS A 179 -20.68 -7.02 22.24
CA HIS A 179 -21.16 -6.69 23.57
C HIS A 179 -20.09 -5.95 24.38
N LYS A 180 -18.83 -6.37 24.25
CA LYS A 180 -17.76 -5.74 25.02
C LYS A 180 -17.61 -4.26 24.66
N MET A 181 -17.81 -3.92 23.39
CA MET A 181 -17.67 -2.53 22.99
C MET A 181 -18.94 -1.74 23.30
N GLY B 18 8.24 -12.77 -22.74
CA GLY B 18 7.85 -12.36 -24.09
C GLY B 18 7.31 -10.94 -24.17
N THR B 19 7.66 -10.22 -25.25
CA THR B 19 7.30 -8.81 -25.36
C THR B 19 6.07 -8.56 -26.23
N SER B 20 5.47 -9.60 -26.80
CA SER B 20 4.33 -9.40 -27.70
C SER B 20 3.21 -8.62 -27.02
N LYS B 21 2.85 -9.03 -25.80
CA LYS B 21 1.75 -8.39 -25.11
C LYS B 21 2.06 -6.92 -24.84
N LEU B 22 3.26 -6.66 -24.33
CA LEU B 22 3.60 -5.27 -24.02
C LEU B 22 3.61 -4.43 -25.28
N LYS B 23 4.24 -4.95 -26.34
CA LYS B 23 4.25 -4.21 -27.60
C LYS B 23 2.83 -3.93 -28.08
N TYR B 24 1.94 -4.92 -28.00
CA TYR B 24 0.54 -4.71 -28.32
C TYR B 24 -0.03 -3.53 -27.54
N VAL B 25 0.21 -3.52 -26.23
CA VAL B 25 -0.29 -2.44 -25.38
C VAL B 25 0.27 -1.11 -25.80
N LEU B 26 1.57 -1.06 -26.12
CA LEU B 26 2.24 0.19 -26.43
C LEU B 26 1.98 0.66 -27.85
N GLN B 27 1.28 -0.12 -28.66
CA GLN B 27 1.11 0.25 -30.06
C GLN B 27 0.34 1.56 -30.16
N ASP B 28 0.92 2.52 -30.84
CA ASP B 28 0.26 3.79 -31.13
C ASP B 28 -0.09 4.53 -29.86
N ALA B 29 0.73 4.35 -28.82
CA ALA B 29 0.51 4.96 -27.52
C ALA B 29 1.17 6.32 -27.46
N ARG B 30 0.67 7.16 -26.56
CA ARG B 30 1.39 8.38 -26.21
C ARG B 30 1.98 8.19 -24.82
N PHE B 31 3.13 8.80 -24.60
CA PHE B 31 3.95 8.54 -23.44
C PHE B 31 4.23 9.87 -22.75
N PHE B 32 4.03 9.91 -21.45
CA PHE B 32 4.35 11.13 -20.74
C PHE B 32 5.19 10.81 -19.52
N LEU B 33 6.26 11.56 -19.34
CA LEU B 33 7.01 11.45 -18.11
C LEU B 33 6.18 12.05 -16.99
N ILE B 34 6.30 11.48 -15.80
CA ILE B 34 5.59 11.94 -14.61
C ILE B 34 6.63 12.01 -13.51
N LYS B 35 6.79 13.18 -12.91
CA LYS B 35 7.70 13.28 -11.79
C LYS B 35 6.90 13.28 -10.51
N SER B 36 7.29 12.44 -9.58
CA SER B 36 6.72 12.47 -8.26
C SER B 36 7.74 13.12 -7.35
N ASN B 37 7.26 13.95 -6.42
CA ASN B 37 8.18 14.54 -5.46
C ASN B 37 8.81 13.49 -4.57
N ASN B 38 8.12 12.36 -4.35
CA ASN B 38 8.64 11.38 -3.41
C ASN B 38 8.19 9.98 -3.80
N HIS B 39 8.79 9.00 -3.12
CA HIS B 39 8.39 7.62 -3.32
C HIS B 39 7.04 7.32 -2.73
N GLU B 40 6.72 7.97 -1.60
CA GLU B 40 5.42 7.78 -0.95
C GLU B 40 4.27 7.93 -1.93
N ASN B 41 4.29 8.99 -2.75
CA ASN B 41 3.17 9.18 -3.66
C ASN B 41 3.16 8.12 -4.75
N VAL B 42 4.33 7.63 -5.14
CA VAL B 42 4.36 6.56 -6.11
C VAL B 42 3.84 5.28 -5.49
N SER B 43 4.22 5.01 -4.23
CA SER B 43 3.73 3.81 -3.55
C SER B 43 2.21 3.83 -3.48
N LEU B 44 1.65 4.98 -3.10
CA LEU B 44 0.20 5.14 -3.13
C LEU B 44 -0.35 4.87 -4.51
N ALA B 45 0.23 5.55 -5.51
CA ALA B 45 -0.23 5.41 -6.89
C ALA B 45 -0.18 3.99 -7.37
N LYS B 46 0.90 3.27 -7.03
CA LYS B 46 1.05 1.89 -7.48
C LYS B 46 -0.01 0.97 -6.88
N ALA B 47 -0.36 1.16 -5.61
CA ALA B 47 -1.32 0.27 -4.95
C ALA B 47 -2.75 0.58 -5.37
N LYS B 48 -3.09 1.86 -5.50
CA LYS B 48 -4.46 2.29 -5.77
C LYS B 48 -4.72 2.52 -7.25
N GLY B 49 -3.68 2.52 -8.09
CA GLY B 49 -3.85 2.72 -9.51
C GLY B 49 -4.48 4.06 -9.81
N VAL B 50 -3.90 5.13 -9.25
CA VAL B 50 -4.39 6.49 -9.48
C VAL B 50 -3.20 7.42 -9.63
N TRP B 51 -3.42 8.51 -10.35
CA TRP B 51 -2.48 9.61 -10.38
C TRP B 51 -3.25 10.92 -10.49
N SER B 52 -2.69 11.97 -9.91
CA SER B 52 -3.16 13.32 -10.12
C SER B 52 -1.96 14.18 -10.47
N THR B 53 -2.13 15.06 -11.43
CA THR B 53 -1.04 15.95 -11.79
C THR B 53 -1.58 17.37 -11.81
N LEU B 54 -0.68 18.32 -12.11
CA LEU B 54 -1.07 19.71 -12.18
C LEU B 54 -2.00 19.95 -13.37
N PRO B 55 -2.86 20.97 -13.29
CA PRO B 55 -3.89 21.13 -14.34
C PRO B 55 -3.35 21.19 -15.76
N VAL B 56 -2.17 21.78 -15.96
CA VAL B 56 -1.60 21.87 -17.31
C VAL B 56 -1.41 20.49 -17.90
N ASN B 57 -0.81 19.59 -17.13
CA ASN B 57 -0.60 18.23 -17.63
C ASN B 57 -1.89 17.42 -17.60
N GLU B 58 -2.77 17.69 -16.64
CA GLU B 58 -4.08 17.03 -16.65
C GLU B 58 -4.78 17.26 -17.98
N LYS B 59 -4.79 18.51 -18.45
CA LYS B 59 -5.41 18.81 -19.74
C LYS B 59 -4.76 18.00 -20.85
N LYS B 60 -3.43 17.98 -20.90
CA LYS B 60 -2.71 17.23 -21.93
C LYS B 60 -3.04 15.75 -21.85
N LEU B 61 -3.08 15.19 -20.64
CA LEU B 61 -3.33 13.76 -20.50
C LEU B 61 -4.77 13.40 -20.88
N ASN B 62 -5.73 14.25 -20.54
CA ASN B 62 -7.11 14.00 -20.96
C ASN B 62 -7.24 14.10 -22.47
N LEU B 63 -6.65 15.13 -23.07
CA LEU B 63 -6.60 15.21 -24.52
C LEU B 63 -5.99 13.95 -25.11
N ALA B 64 -4.82 13.55 -24.59
CA ALA B 64 -4.17 12.35 -25.08
C ALA B 64 -5.09 11.14 -24.90
N PHE B 65 -5.77 11.04 -23.75
CA PHE B 65 -6.60 9.88 -23.49
C PHE B 65 -7.65 9.68 -24.57
N ARG B 66 -8.36 10.76 -24.93
CA ARG B 66 -9.38 10.66 -25.98
C ARG B 66 -8.80 10.47 -27.37
N SER B 67 -7.52 10.81 -27.57
CA SER B 67 -6.96 10.82 -28.91
C SER B 67 -6.21 9.55 -29.24
N ALA B 68 -5.64 8.90 -28.23
CA ALA B 68 -4.65 7.86 -28.44
C ALA B 68 -5.13 6.52 -27.90
N ARG B 69 -4.67 5.45 -28.55
CA ARG B 69 -5.09 4.11 -28.18
C ARG B 69 -4.70 3.77 -26.74
N SER B 70 -3.56 4.29 -26.29
CA SER B 70 -3.15 4.19 -24.90
C SER B 70 -2.38 5.44 -24.57
N VAL B 71 -2.44 5.85 -23.31
CA VAL B 71 -1.62 6.93 -22.80
C VAL B 71 -0.82 6.32 -21.66
N ILE B 72 0.50 6.40 -21.76
CA ILE B 72 1.40 5.75 -20.81
C ILE B 72 2.07 6.84 -19.99
N LEU B 73 1.95 6.72 -18.67
CA LEU B 73 2.70 7.52 -17.74
C LEU B 73 3.94 6.76 -17.29
N ILE B 74 5.08 7.40 -17.36
CA ILE B 74 6.32 6.77 -16.96
C ILE B 74 6.85 7.55 -15.80
N PHE B 75 6.91 6.92 -14.64
CA PHE B 75 7.11 7.63 -13.39
C PHE B 75 8.57 7.75 -13.04
N SER B 76 8.95 8.92 -12.53
CA SER B 76 10.28 9.10 -11.95
C SER B 76 10.15 9.97 -10.71
N VAL B 77 10.61 9.43 -9.60
CA VAL B 77 10.68 10.22 -8.37
C VAL B 77 11.91 11.11 -8.46
N ARG B 78 11.70 12.40 -8.24
CA ARG B 78 12.77 13.38 -8.30
C ARG B 78 13.98 12.93 -7.50
N GLU B 79 15.15 13.11 -8.09
CA GLU B 79 16.47 12.78 -7.53
C GLU B 79 16.69 11.29 -7.32
N SER B 80 15.78 10.44 -7.79
CA SER B 80 16.00 9.03 -7.57
C SER B 80 17.01 8.42 -8.53
N GLY B 81 17.28 9.05 -9.68
CA GLY B 81 18.08 8.44 -10.70
C GLY B 81 17.43 7.25 -11.39
N LYS B 82 16.13 7.05 -11.19
CA LYS B 82 15.46 5.89 -11.76
C LYS B 82 14.09 6.30 -12.24
N PHE B 83 13.53 5.43 -13.07
CA PHE B 83 12.11 5.41 -13.27
C PHE B 83 11.57 4.36 -12.33
N GLN B 84 10.37 4.58 -11.80
CA GLN B 84 9.77 3.63 -10.89
C GLN B 84 8.73 2.75 -11.54
N GLY B 85 8.54 2.86 -12.85
CA GLY B 85 7.59 2.02 -13.53
C GLY B 85 6.70 2.84 -14.44
N PHE B 86 5.69 2.19 -15.00
CA PHE B 86 4.85 2.93 -15.92
C PHE B 86 3.46 2.35 -15.94
N ALA B 87 2.51 3.20 -16.30
CA ALA B 87 1.12 2.89 -16.15
C ALA B 87 0.35 3.47 -17.33
N ARG B 88 -0.79 2.83 -17.59
CA ARG B 88 -1.67 3.20 -18.67
C ARG B 88 -2.91 3.87 -18.08
N LEU B 89 -3.24 5.06 -18.58
CA LEU B 89 -4.49 5.71 -18.21
C LEU B 89 -5.66 4.81 -18.60
N SER B 90 -6.52 4.51 -17.64
CA SER B 90 -7.76 3.82 -18.00
C SER B 90 -8.95 4.76 -18.05
N SER B 91 -8.74 6.02 -17.70
CA SER B 91 -9.81 7.01 -17.63
C SER B 91 -9.20 8.37 -17.88
N GLU B 92 -10.03 9.30 -18.34
CA GLU B 92 -9.71 10.70 -18.18
C GLU B 92 -9.69 11.03 -16.69
N SER B 93 -9.13 12.18 -16.36
CA SER B 93 -9.21 12.62 -14.98
C SER B 93 -10.67 12.76 -14.59
N HIS B 94 -10.96 12.43 -13.34
CA HIS B 94 -12.29 12.51 -12.77
C HIS B 94 -12.19 13.27 -11.46
N HIS B 95 -13.21 14.06 -11.18
CA HIS B 95 -13.27 14.88 -9.97
C HIS B 95 -14.35 14.36 -9.03
N GLY B 96 -14.31 14.86 -7.81
CA GLY B 96 -15.36 14.51 -6.88
C GLY B 96 -15.29 13.10 -6.35
N GLY B 97 -14.24 12.34 -6.66
CA GLY B 97 -14.01 11.08 -5.98
C GLY B 97 -13.50 11.32 -4.57
N SER B 98 -13.34 10.23 -3.84
CA SER B 98 -12.79 10.32 -2.49
C SER B 98 -11.41 10.96 -2.53
N PRO B 99 -11.08 11.84 -1.60
CA PRO B 99 -9.78 12.52 -1.64
C PRO B 99 -8.64 11.52 -1.46
N ILE B 100 -7.56 11.76 -2.20
CA ILE B 100 -6.35 10.94 -2.13
C ILE B 100 -5.31 11.73 -1.35
N HIS B 101 -4.77 11.13 -0.30
CA HIS B 101 -3.92 11.85 0.64
C HIS B 101 -2.46 11.79 0.21
N TRP B 102 -2.21 12.38 -0.96
CA TRP B 102 -0.84 12.56 -1.39
C TRP B 102 -0.04 13.32 -0.34
N VAL B 103 1.22 12.97 -0.20
CA VAL B 103 2.16 13.78 0.56
C VAL B 103 2.88 14.67 -0.45
N LEU B 104 2.52 15.99 -0.44
CA LEU B 104 2.85 16.88 -1.56
C LEU B 104 4.08 17.74 -1.28
N PRO B 105 4.76 18.20 -2.34
CA PRO B 105 6.03 18.91 -2.16
C PRO B 105 5.85 20.29 -1.53
N ALA B 106 6.98 20.98 -1.36
CA ALA B 106 7.11 22.27 -0.68
C ALA B 106 5.98 23.24 -0.98
N GLY B 107 6.00 23.83 -2.18
CA GLY B 107 5.02 24.83 -2.56
C GLY B 107 3.87 24.26 -3.34
N MET B 108 3.34 23.13 -2.86
CA MET B 108 2.21 22.50 -3.52
C MET B 108 1.21 22.02 -2.49
N SER B 109 -0.05 22.27 -2.78
CA SER B 109 -1.21 21.88 -1.99
C SER B 109 -2.15 21.05 -2.85
N ALA B 110 -3.01 20.26 -2.19
CA ALA B 110 -3.94 19.41 -2.93
C ALA B 110 -4.92 20.22 -3.77
N LYS B 111 -5.16 21.48 -3.42
CA LYS B 111 -5.96 22.35 -4.26
C LYS B 111 -5.30 22.52 -5.63
N MET B 112 -3.98 22.74 -5.65
CA MET B 112 -3.25 22.86 -6.91
C MET B 112 -3.60 21.72 -7.88
N LEU B 113 -3.52 20.47 -7.42
CA LEU B 113 -3.73 19.37 -8.33
C LEU B 113 -5.12 19.38 -8.95
N GLY B 114 -5.26 18.65 -10.05
CA GLY B 114 -6.50 18.50 -10.73
C GLY B 114 -7.20 17.23 -10.34
N GLY B 115 -7.92 16.64 -11.30
CA GLY B 115 -8.67 15.45 -11.04
C GLY B 115 -7.76 14.24 -10.89
N VAL B 116 -8.40 13.11 -10.69
CA VAL B 116 -7.71 11.85 -10.48
C VAL B 116 -7.81 11.02 -11.76
N PHE B 117 -6.68 10.51 -12.22
CA PHE B 117 -6.65 9.57 -13.33
C PHE B 117 -6.65 8.16 -12.76
N LYS B 118 -7.50 7.32 -13.28
CA LYS B 118 -7.36 5.91 -13.00
C LYS B 118 -6.29 5.37 -13.93
N ILE B 119 -5.34 4.62 -13.38
CA ILE B 119 -4.25 4.09 -14.17
C ILE B 119 -4.10 2.60 -13.87
N ASP B 120 -3.77 1.84 -14.89
CA ASP B 120 -3.42 0.44 -14.78
C ASP B 120 -1.91 0.34 -14.91
N TRP B 121 -1.24 -0.08 -13.84
CA TRP B 121 0.21 -0.22 -13.90
C TRP B 121 0.59 -1.38 -14.81
N ILE B 122 1.58 -1.14 -15.68
CA ILE B 122 2.12 -2.14 -16.58
C ILE B 122 3.40 -2.67 -15.98
N CYS B 123 4.13 -1.79 -15.30
CA CYS B 123 5.36 -2.20 -14.65
C CYS B 123 5.50 -1.38 -13.39
N ARG B 124 5.78 -2.03 -12.28
CA ARG B 124 6.00 -1.30 -11.04
C ARG B 124 7.44 -1.46 -10.59
N ARG B 125 8.30 -1.96 -11.46
CA ARG B 125 9.70 -2.16 -11.15
C ARG B 125 10.54 -1.01 -11.68
N GLU B 126 11.65 -0.78 -11.00
CA GLU B 126 12.51 0.35 -11.29
C GLU B 126 13.33 0.12 -12.53
N LEU B 127 13.60 1.22 -13.22
CA LEU B 127 14.53 1.24 -14.34
C LEU B 127 15.54 2.33 -14.00
N PRO B 128 16.76 1.97 -13.67
CA PRO B 128 17.76 3.02 -13.41
C PRO B 128 18.03 3.79 -14.68
N PHE B 129 18.26 5.10 -14.52
CA PHE B 129 18.60 5.95 -15.66
C PHE B 129 19.80 5.42 -16.42
N THR B 130 20.68 4.66 -15.74
CA THR B 130 21.85 4.10 -16.41
C THR B 130 21.48 3.08 -17.46
N LYS B 131 20.23 2.64 -17.48
CA LYS B 131 19.77 1.68 -18.48
C LYS B 131 19.05 2.36 -19.62
N SER B 132 18.71 3.64 -19.49
CA SER B 132 18.05 4.36 -20.56
C SER B 132 18.96 5.41 -21.16
N ALA B 133 20.26 5.36 -20.85
CA ALA B 133 21.18 6.42 -21.24
C ALA B 133 21.33 6.55 -22.76
N HIS B 134 21.02 5.49 -23.50
CA HIS B 134 21.09 5.49 -24.96
C HIS B 134 19.85 6.10 -25.60
N LEU B 135 18.83 6.41 -24.80
CA LEU B 135 17.53 6.77 -25.33
C LEU B 135 17.38 8.28 -25.25
N THR B 136 17.11 8.91 -26.38
CA THR B 136 16.89 10.34 -26.44
C THR B 136 15.47 10.59 -26.92
N ASN B 137 14.87 11.66 -26.44
CA ASN B 137 13.48 11.96 -26.79
C ASN B 137 13.49 13.08 -27.81
N PRO B 138 13.15 12.80 -29.08
CA PRO B 138 13.17 13.85 -30.10
C PRO B 138 12.25 14.99 -29.79
N TRP B 139 11.22 14.77 -28.97
CA TRP B 139 10.29 15.84 -28.61
C TRP B 139 10.74 16.61 -27.38
N ASN B 140 11.94 16.31 -26.87
CA ASN B 140 12.62 17.16 -25.89
C ASN B 140 14.03 17.44 -26.33
N GLU B 141 14.16 17.98 -27.57
CA GLU B 141 15.45 18.36 -28.15
C GLU B 141 16.45 17.22 -28.15
N HIS B 142 15.95 15.99 -28.27
CA HIS B 142 16.80 14.80 -28.35
C HIS B 142 17.70 14.65 -27.15
N LYS B 143 17.26 15.15 -26.00
CA LYS B 143 17.93 14.95 -24.73
C LYS B 143 17.62 13.56 -24.21
N PRO B 144 18.53 12.98 -23.42
CA PRO B 144 18.26 11.68 -22.79
C PRO B 144 16.87 11.66 -22.18
N VAL B 145 16.20 10.51 -22.32
CA VAL B 145 14.80 10.43 -21.95
C VAL B 145 14.62 10.65 -20.45
N LYS B 146 15.66 10.38 -19.65
CA LYS B 146 15.63 10.66 -18.23
C LYS B 146 15.48 12.15 -17.95
N ILE B 147 15.81 13.01 -18.91
CA ILE B 147 15.68 14.45 -18.74
C ILE B 147 14.30 14.86 -19.17
N GLY B 148 13.58 15.54 -18.30
CA GLY B 148 12.27 15.98 -18.71
C GLY B 148 11.50 16.64 -17.60
N ARG B 149 10.62 17.57 -17.93
CA ARG B 149 9.75 18.11 -16.91
C ARG B 149 8.60 17.13 -16.67
N ASP B 150 7.93 17.31 -15.53
CA ASP B 150 6.72 16.56 -15.28
C ASP B 150 5.73 16.78 -16.41
N GLY B 151 5.16 15.68 -16.94
CA GLY B 151 4.26 15.77 -18.08
C GLY B 151 4.93 15.91 -19.43
N GLN B 152 6.25 15.83 -19.48
CA GLN B 152 6.95 15.85 -20.76
C GLN B 152 6.53 14.70 -21.65
N GLU B 153 6.03 15.02 -22.83
CA GLU B 153 5.59 13.98 -23.72
C GLU B 153 6.80 13.35 -24.37
N ILE B 154 6.78 12.03 -24.45
CA ILE B 154 7.86 11.26 -25.01
C ILE B 154 7.38 10.70 -26.34
N GLU B 155 8.11 11.00 -27.41
CA GLU B 155 7.78 10.50 -28.73
C GLU B 155 7.63 8.98 -28.71
N LEU B 156 6.77 8.49 -29.61
CA LEU B 156 6.30 7.10 -29.62
C LEU B 156 7.43 6.08 -29.52
N GLU B 157 8.44 6.19 -30.38
CA GLU B 157 9.42 5.11 -30.44
C GLU B 157 10.38 5.18 -29.26
N CYS B 158 10.72 6.39 -28.82
CA CYS B 158 11.56 6.49 -27.63
C CYS B 158 10.81 5.96 -26.40
N GLY B 159 9.57 6.37 -26.21
CA GLY B 159 8.78 5.86 -25.09
C GLY B 159 8.52 4.36 -25.16
N THR B 160 8.31 3.83 -26.37
CA THR B 160 8.16 2.38 -26.51
C THR B 160 9.44 1.68 -26.05
N GLN B 161 10.57 2.11 -26.58
CA GLN B 161 11.84 1.48 -26.23
C GLN B 161 12.14 1.64 -24.75
N LEU B 162 11.88 2.84 -24.21
CA LEU B 162 12.02 3.07 -22.78
C LEU B 162 11.20 2.04 -22.01
N CYS B 163 9.95 1.90 -22.41
CA CYS B 163 9.04 1.00 -21.71
C CYS B 163 9.51 -0.44 -21.86
N LEU B 164 10.09 -0.77 -23.01
CA LEU B 164 10.59 -2.13 -23.21
C LEU B 164 11.82 -2.40 -22.36
N LEU B 165 12.48 -1.36 -21.86
CA LEU B 165 13.69 -1.59 -21.07
C LEU B 165 13.36 -2.10 -19.68
N PHE B 166 12.15 -1.86 -19.20
CA PHE B 166 11.81 -2.22 -17.85
C PHE B 166 11.79 -3.74 -17.70
N PRO B 167 12.22 -4.25 -16.55
CA PRO B 167 12.11 -5.69 -16.32
C PRO B 167 10.67 -6.11 -16.32
N PRO B 168 10.38 -7.35 -16.71
CA PRO B 168 9.02 -7.86 -16.57
C PRO B 168 8.58 -7.89 -15.12
N ASP B 169 7.34 -7.53 -14.91
CA ASP B 169 6.79 -7.40 -13.57
C ASP B 169 5.84 -8.56 -13.34
N GLU B 170 6.28 -9.51 -12.52
CA GLU B 170 5.51 -10.70 -12.23
C GLU B 170 4.28 -10.45 -11.37
N SER B 171 4.17 -9.25 -10.79
CA SER B 171 2.97 -8.83 -10.09
C SER B 171 1.90 -8.34 -11.05
N ILE B 172 2.26 -8.04 -12.29
CA ILE B 172 1.32 -7.42 -13.22
C ILE B 172 0.78 -8.49 -14.14
N ASP B 173 -0.52 -8.43 -14.40
CA ASP B 173 -1.17 -9.25 -15.42
C ASP B 173 -1.75 -8.32 -16.47
N LEU B 174 -1.19 -8.40 -17.70
CA LEU B 174 -1.60 -7.47 -18.75
C LEU B 174 -3.00 -7.76 -19.27
N TYR B 175 -3.61 -8.86 -18.83
CA TYR B 175 -4.90 -9.28 -19.36
C TYR B 175 -5.93 -8.16 -19.28
N GLN B 176 -6.02 -7.52 -18.13
CA GLN B 176 -7.05 -6.50 -17.94
C GLN B 176 -6.79 -5.29 -18.83
N VAL B 177 -5.53 -4.86 -18.93
CA VAL B 177 -5.22 -3.73 -19.82
C VAL B 177 -5.58 -4.07 -21.25
N ILE B 178 -5.18 -5.26 -21.71
CA ILE B 178 -5.46 -5.65 -23.08
C ILE B 178 -6.97 -5.62 -23.35
N HIS B 179 -7.78 -6.13 -22.40
CA HIS B 179 -9.22 -6.27 -22.61
C HIS B 179 -9.98 -4.97 -22.50
N LYS B 180 -9.41 -3.94 -21.90
CA LYS B 180 -10.05 -2.63 -21.91
C LYS B 180 -9.39 -1.69 -22.91
N MET B 181 -8.81 -2.23 -23.98
CA MET B 181 -8.21 -1.39 -24.99
C MET B 181 -9.12 -1.30 -26.21
C01 7RE C . 4.90 -11.70 23.10
C02 7RE C . 5.93 -10.91 22.29
C04 7RE C . 6.55 -8.88 21.37
C06 7RE C . 7.70 -9.44 20.87
C07 7RE C . 7.96 -10.78 21.10
C08 7RE C . 7.06 -11.55 21.83
N03 7RE C . 5.71 -9.64 22.05
O05 7RE C . 6.23 -7.53 21.17
C1 GOL D . 2.85 6.87 15.42
O1 GOL D . 3.39 8.19 15.22
C2 GOL D . 3.26 6.08 14.17
O2 GOL D . 4.52 5.52 14.28
C3 GOL D . 2.16 5.04 13.99
O3 GOL D . 2.42 4.03 14.93
C1 GOL E . 10.83 -4.65 12.94
O1 GOL E . 9.73 -4.80 12.07
C2 GOL E . 10.32 -3.89 14.18
O2 GOL E . 9.04 -4.30 14.49
C3 GOL E . 11.30 -4.19 15.32
O3 GOL E . 10.67 -3.74 16.51
S SO4 F . -22.97 -11.41 10.04
O1 SO4 F . -24.10 -11.52 10.95
O2 SO4 F . -22.22 -10.20 10.36
O3 SO4 F . -22.05 -12.55 10.13
O4 SO4 F . -23.48 -11.32 8.67
S SO4 G . 1.29 -19.45 38.23
O1 SO4 G . 0.09 -19.20 38.99
O2 SO4 G . 2.14 -20.45 38.86
O3 SO4 G . 0.94 -19.97 36.92
O4 SO4 G . 2.01 -18.20 38.13
S SO4 H . -1.66 -3.14 36.59
O1 SO4 H . -2.29 -2.47 37.72
O2 SO4 H . -0.20 -2.94 36.65
O3 SO4 H . -1.99 -4.57 36.65
O4 SO4 H . -2.17 -2.56 35.35
C01 7RE I . 0.14 13.39 -6.84
C02 7RE I . 1.30 14.31 -7.24
C04 7RE I . 2.22 15.65 -8.83
C06 7RE I . 3.31 15.94 -8.02
C07 7RE I . 3.39 15.37 -6.76
C08 7RE I . 2.35 14.53 -6.36
N03 7RE I . 1.26 14.86 -8.43
O05 7RE I . 2.10 16.20 -10.08
C1 GOL J . 10.08 9.42 0.58
O1 GOL J . 8.70 9.11 0.24
C2 GOL J . 10.94 9.31 -0.72
O2 GOL J . 11.03 10.49 -1.42
C3 GOL J . 12.35 8.79 -0.26
O3 GOL J . 12.14 7.57 0.44
S SO4 K . 12.07 -3.47 -8.11
O1 SO4 K . 10.87 -4.02 -7.47
O2 SO4 K . 13.20 -3.64 -7.20
O3 SO4 K . 11.88 -2.09 -8.44
O4 SO4 K . 12.36 -4.21 -9.32
S SO4 L . 14.37 -10.28 -12.32
O1 SO4 L . 14.30 -10.06 -10.88
O2 SO4 L . 15.74 -10.60 -12.72
O3 SO4 L . 13.45 -11.37 -12.66
O4 SO4 L . 14.00 -9.06 -13.03
S SO4 M . -10.44 19.00 -20.27
O1 SO4 M . -10.93 20.38 -20.09
O2 SO4 M . -9.34 18.73 -19.32
O3 SO4 M . -11.53 18.04 -20.00
O4 SO4 M . -9.97 18.81 -21.66
#